data_1PGQ
#
_entry.id   1PGQ
#
_cell.length_a   72.740
_cell.length_b   148.400
_cell.length_c   102.350
_cell.angle_alpha   90.00
_cell.angle_beta   90.00
_cell.angle_gamma   90.00
#
_symmetry.space_group_name_H-M   'C 2 2 21'
#
loop_
_entity.id
_entity.type
_entity.pdbx_description
1 polymer '6-PHOSPHOGLUCONATE DEHYDROGENASE'
2 non-polymer 'SULFATE ION'
3 non-polymer "ADENOSINE-2'-MONOPHOSPHATE"
4 water water
#
_entity_poly.entity_id   1
_entity_poly.type   'polypeptide(L)'
_entity_poly.pdbx_seq_one_letter_code
;AQADIALIGLAVMGQNLILNMNDHGFVVCAFNRTVSKVDDFLANEAKGTKVLGAHSLEEMVSKLKKPRRIILLVKAGQAV
DNFIEKLVPLLDIGDIIIDGGNSEYRDTMRRCRDLKDKGILFVGSGVSGGEDGARYGPSLMPGGNKEAWPHIKAIFQGIA
AKVGTGEPCCDWVGDDGAGHFVKMVHNGIEYGDMQLICEAYHLMKDVLGLGHKEMAKAFEEWNKTELDSFLIEITASILK
FQDADGKHLLPKIRDSAGQKGTGKWTAISALEYGVPVTLIGEAVFARCLSSLKDERIQASKKLKGPQNIPFEGDKKSFLE
DIRKALYASKIISYAQGFMLLRQAATEFGWTLNYGGIALMWRGGCIIRSVFLGKIKDAFDRNPGLQNLLLDDFFKSAVEN
CQDSWRRAISTGVQAGIPMPCFTTALSFYDGYRHAMLPANLIQAQRDYFGAHTYELLAKPGQFIHTNWTGHGGSVSSSSY
NA
;
_entity_poly.pdbx_strand_id   A
#
loop_
_chem_comp.id
_chem_comp.type
_chem_comp.name
_chem_comp.formula
2AM non-polymer ADENOSINE-2'-MONOPHOSPHATE 'C10 H14 N5 O7 P'
SO4 non-polymer 'SULFATE ION' 'O4 S -2'
#
# COMPACT_ATOMS: atom_id res chain seq x y z
N ALA A 1 -29.05 7.12 -24.32
CA ALA A 1 -28.63 8.07 -23.26
C ALA A 1 -29.58 7.93 -22.07
N GLN A 2 -29.13 7.27 -21.00
CA GLN A 2 -29.92 7.05 -19.79
C GLN A 2 -29.02 6.60 -18.66
N ALA A 3 -28.06 5.75 -19.01
CA ALA A 3 -27.04 5.30 -18.08
C ALA A 3 -26.10 6.49 -17.88
N ASP A 4 -25.88 6.84 -16.62
CA ASP A 4 -24.93 7.89 -16.26
C ASP A 4 -23.48 7.46 -16.60
N ILE A 5 -23.16 6.21 -16.28
CA ILE A 5 -21.83 5.62 -16.42
C ILE A 5 -21.93 4.13 -16.78
N ALA A 6 -20.99 3.55 -17.49
CA ALA A 6 -20.93 2.11 -17.79
C ALA A 6 -19.76 1.43 -17.07
N LEU A 7 -19.84 0.16 -16.67
CA LEU A 7 -18.72 -0.54 -16.04
C LEU A 7 -18.62 -1.88 -16.73
N ILE A 8 -17.43 -2.17 -17.22
CA ILE A 8 -17.11 -3.41 -17.90
C ILE A 8 -16.29 -4.15 -16.85
N GLY A 9 -16.83 -5.27 -16.38
CA GLY A 9 -16.12 -6.12 -15.44
C GLY A 9 -16.98 -6.64 -14.31
N LEU A 10 -17.74 -7.69 -14.60
CA LEU A 10 -18.70 -8.27 -13.66
C LEU A 10 -18.21 -9.35 -12.69
N ALA A 11 -17.04 -9.08 -12.16
CA ALA A 11 -16.46 -9.91 -11.12
C ALA A 11 -17.11 -9.37 -9.84
N VAL A 12 -16.84 -9.92 -8.65
CA VAL A 12 -17.46 -9.43 -7.42
C VAL A 12 -17.20 -7.94 -7.21
N MET A 13 -15.96 -7.52 -7.38
CA MET A 13 -15.59 -6.10 -7.23
C MET A 13 -16.40 -5.17 -8.16
N GLY A 14 -16.59 -5.56 -9.43
CA GLY A 14 -17.35 -4.78 -10.39
C GLY A 14 -18.81 -4.75 -10.00
N GLN A 15 -19.40 -5.88 -9.63
CA GLN A 15 -20.81 -5.98 -9.24
C GLN A 15 -21.09 -5.12 -8.03
N ASN A 16 -20.31 -5.28 -6.97
CA ASN A 16 -20.51 -4.51 -5.74
C ASN A 16 -20.34 -3.02 -5.99
N LEU A 17 -19.44 -2.60 -6.88
CA LEU A 17 -19.26 -1.18 -7.21
C LEU A 17 -20.46 -0.66 -8.02
N ILE A 18 -20.91 -1.31 -9.10
CA ILE A 18 -22.14 -1.00 -9.90
C ILE A 18 -23.32 -0.84 -8.94
N LEU A 19 -23.46 -1.75 -8.00
CA LEU A 19 -24.50 -1.73 -6.99
C LEU A 19 -24.41 -0.49 -6.10
N ASN A 20 -23.27 -0.17 -5.51
CA ASN A 20 -23.05 1.05 -4.71
C ASN A 20 -23.43 2.30 -5.52
N MET A 21 -23.09 2.35 -6.80
CA MET A 21 -23.35 3.48 -7.69
C MET A 21 -24.85 3.68 -7.86
N ASN A 22 -25.52 2.60 -8.26
CA ASN A 22 -26.98 2.54 -8.36
C ASN A 22 -27.63 3.11 -7.10
N ASP A 23 -27.26 2.61 -5.90
CA ASP A 23 -27.74 3.10 -4.60
C ASP A 23 -27.52 4.61 -4.37
N HIS A 24 -26.57 5.24 -5.04
CA HIS A 24 -26.39 6.68 -4.92
C HIS A 24 -27.10 7.43 -6.02
N GLY A 25 -28.04 6.74 -6.66
CA GLY A 25 -28.86 7.30 -7.70
C GLY A 25 -28.12 7.57 -9.00
N PHE A 26 -27.42 6.56 -9.50
CA PHE A 26 -26.74 6.66 -10.79
C PHE A 26 -27.18 5.41 -11.53
N VAL A 27 -27.68 5.61 -12.75
CA VAL A 27 -28.10 4.50 -13.61
C VAL A 27 -26.80 3.94 -14.25
N VAL A 28 -26.51 2.64 -14.08
CA VAL A 28 -25.30 2.03 -14.61
C VAL A 28 -25.66 0.96 -15.65
N CYS A 29 -24.99 1.06 -16.78
CA CYS A 29 -25.12 0.12 -17.89
C CYS A 29 -23.94 -0.81 -17.64
N ALA A 30 -24.24 -2.06 -17.31
CA ALA A 30 -23.21 -3.06 -17.03
C ALA A 30 -22.88 -3.74 -18.33
N PHE A 31 -21.60 -4.09 -18.45
CA PHE A 31 -21.12 -4.87 -19.58
C PHE A 31 -20.03 -5.82 -19.11
N ASN A 32 -19.82 -6.90 -19.84
CA ASN A 32 -18.78 -7.87 -19.51
C ASN A 32 -18.45 -8.65 -20.79
N ARG A 33 -17.25 -9.21 -20.88
CA ARG A 33 -16.78 -9.94 -22.03
C ARG A 33 -17.66 -11.18 -22.28
N THR A 34 -17.81 -12.04 -21.27
CA THR A 34 -18.76 -13.14 -21.43
C THR A 34 -20.08 -12.60 -20.91
N VAL A 35 -20.71 -12.04 -21.92
CA VAL A 35 -22.00 -11.41 -21.88
C VAL A 35 -23.09 -12.18 -21.12
N SER A 36 -22.98 -13.51 -20.91
CA SER A 36 -23.92 -14.30 -20.08
C SER A 36 -23.94 -13.71 -18.65
N LYS A 37 -22.76 -13.41 -18.09
CA LYS A 37 -22.62 -12.91 -16.74
C LYS A 37 -23.46 -11.63 -16.55
N VAL A 38 -23.68 -10.84 -17.60
CA VAL A 38 -24.52 -9.64 -17.52
C VAL A 38 -25.96 -10.09 -17.18
N ASP A 39 -26.47 -11.09 -17.92
CA ASP A 39 -27.82 -11.64 -17.76
C ASP A 39 -28.07 -12.25 -16.38
N ASP A 40 -27.03 -12.97 -15.95
CA ASP A 40 -26.98 -13.64 -14.65
C ASP A 40 -27.16 -12.53 -13.62
N PHE A 41 -26.29 -11.52 -13.63
CA PHE A 41 -26.35 -10.35 -12.76
C PHE A 41 -27.74 -9.68 -12.67
N LEU A 42 -28.32 -9.40 -13.82
CA LEU A 42 -29.60 -8.71 -13.95
C LEU A 42 -30.80 -9.44 -13.32
N ALA A 43 -30.79 -10.76 -13.49
CA ALA A 43 -31.82 -11.61 -12.92
C ALA A 43 -31.61 -11.75 -11.41
N ASN A 44 -30.33 -11.88 -11.05
CA ASN A 44 -29.92 -12.12 -9.67
C ASN A 44 -29.60 -10.87 -8.87
N GLU A 45 -28.35 -10.55 -8.54
CA GLU A 45 -27.98 -9.44 -7.66
C GLU A 45 -28.51 -8.06 -7.98
N ALA A 46 -28.74 -7.80 -9.26
CA ALA A 46 -29.26 -6.52 -9.68
C ALA A 46 -30.78 -6.55 -9.89
N LYS A 47 -31.53 -7.62 -9.62
CA LYS A 47 -32.99 -7.58 -9.81
C LYS A 47 -33.59 -6.53 -8.88
N GLY A 48 -34.37 -5.67 -9.54
CA GLY A 48 -35.09 -4.59 -8.90
C GLY A 48 -34.29 -3.31 -8.79
N THR A 49 -33.02 -3.28 -9.21
CA THR A 49 -32.22 -2.06 -9.19
C THR A 49 -32.52 -1.23 -10.46
N LYS A 50 -31.99 -0.01 -10.57
CA LYS A 50 -32.18 0.82 -11.77
C LYS A 50 -31.22 0.49 -12.92
N VAL A 51 -30.37 -0.53 -12.78
CA VAL A 51 -29.33 -0.84 -13.76
C VAL A 51 -29.84 -1.50 -15.04
N LEU A 52 -29.13 -1.06 -16.09
CA LEU A 52 -29.35 -1.45 -17.48
C LEU A 52 -28.26 -2.46 -17.83
N GLY A 53 -28.46 -3.41 -18.73
CA GLY A 53 -27.40 -4.34 -19.07
C GLY A 53 -27.22 -4.37 -20.57
N ALA A 54 -26.03 -4.15 -21.09
CA ALA A 54 -25.77 -4.20 -22.52
C ALA A 54 -25.33 -5.59 -22.94
N HIS A 55 -25.48 -5.85 -24.23
CA HIS A 55 -25.06 -7.12 -24.79
C HIS A 55 -24.05 -7.00 -25.93
N SER A 56 -23.50 -5.81 -26.10
CA SER A 56 -22.48 -5.50 -27.10
C SER A 56 -21.94 -4.16 -26.61
N LEU A 57 -20.64 -3.96 -26.90
CA LEU A 57 -19.95 -2.71 -26.60
C LEU A 57 -20.72 -1.55 -27.26
N GLU A 58 -21.16 -1.64 -28.53
CA GLU A 58 -21.88 -0.54 -29.21
C GLU A 58 -23.23 -0.26 -28.56
N GLU A 59 -23.94 -1.28 -28.07
CA GLU A 59 -25.17 -1.07 -27.30
C GLU A 59 -24.78 -0.28 -26.04
N MET A 60 -23.83 -0.80 -25.24
CA MET A 60 -23.37 -0.12 -24.03
C MET A 60 -23.00 1.34 -24.34
N VAL A 61 -22.30 1.59 -25.43
CA VAL A 61 -21.91 2.94 -25.80
C VAL A 61 -23.14 3.83 -26.10
N SER A 62 -24.23 3.25 -26.63
CA SER A 62 -25.48 3.96 -26.92
C SER A 62 -26.27 4.33 -25.65
N LYS A 63 -26.24 3.45 -24.65
CA LYS A 63 -26.96 3.66 -23.40
C LYS A 63 -26.42 4.84 -22.58
N LEU A 64 -25.23 5.31 -22.93
CA LEU A 64 -24.56 6.37 -22.19
C LEU A 64 -24.94 7.81 -22.51
N LYS A 65 -24.96 8.66 -21.47
CA LYS A 65 -25.23 10.09 -21.61
C LYS A 65 -23.86 10.69 -21.95
N LYS A 66 -23.84 11.88 -22.54
CA LYS A 66 -22.56 12.50 -22.86
C LYS A 66 -22.19 13.48 -21.77
N PRO A 67 -20.89 13.57 -21.40
CA PRO A 67 -19.74 12.82 -21.96
C PRO A 67 -19.75 11.37 -21.52
N ARG A 68 -19.61 10.47 -22.47
CA ARG A 68 -19.60 9.05 -22.16
C ARG A 68 -18.49 8.73 -21.16
N ARG A 69 -18.90 8.13 -20.04
CA ARG A 69 -18.04 7.70 -18.96
C ARG A 69 -18.14 6.17 -18.86
N ILE A 70 -17.08 5.47 -19.19
CA ILE A 70 -17.04 4.02 -19.05
C ILE A 70 -15.84 3.69 -18.12
N ILE A 71 -15.99 2.61 -17.33
CA ILE A 71 -15.05 2.11 -16.34
C ILE A 71 -14.57 0.71 -16.72
N LEU A 72 -13.27 0.49 -16.67
CA LEU A 72 -12.63 -0.80 -16.90
C LEU A 72 -12.19 -1.33 -15.53
N LEU A 73 -12.90 -2.37 -15.08
CA LEU A 73 -12.55 -3.12 -13.87
C LEU A 73 -12.38 -4.56 -14.34
N VAL A 74 -11.43 -4.69 -15.25
CA VAL A 74 -11.06 -5.96 -15.86
C VAL A 74 -9.71 -6.26 -15.18
N LYS A 75 -9.59 -7.40 -14.51
CA LYS A 75 -8.35 -7.77 -13.79
C LYS A 75 -7.40 -7.93 -14.98
N ALA A 76 -6.38 -7.07 -14.98
CA ALA A 76 -5.53 -6.95 -16.15
C ALA A 76 -4.24 -6.14 -16.16
N GLY A 77 -3.65 -6.49 -17.31
CA GLY A 77 -2.53 -5.87 -18.00
C GLY A 77 -3.04 -5.68 -19.44
N GLN A 78 -2.80 -6.70 -20.26
CA GLN A 78 -3.27 -6.78 -21.65
C GLN A 78 -4.73 -6.40 -21.88
N ALA A 79 -5.63 -7.06 -21.17
CA ALA A 79 -7.07 -6.90 -21.35
C ALA A 79 -7.59 -5.47 -21.35
N VAL A 80 -6.93 -4.56 -20.63
CA VAL A 80 -7.33 -3.16 -20.58
C VAL A 80 -7.06 -2.51 -21.93
N ASP A 81 -5.85 -2.67 -22.46
CA ASP A 81 -5.51 -2.15 -23.80
C ASP A 81 -6.47 -2.58 -24.90
N ASN A 82 -6.80 -3.86 -24.86
CA ASN A 82 -7.73 -4.45 -25.83
C ASN A 82 -9.10 -3.75 -25.73
N PHE A 83 -9.60 -3.50 -24.54
CA PHE A 83 -10.85 -2.77 -24.42
C PHE A 83 -10.73 -1.34 -24.90
N ILE A 84 -9.59 -0.70 -24.64
CA ILE A 84 -9.34 0.67 -25.07
C ILE A 84 -9.34 0.69 -26.60
N GLU A 85 -8.81 -0.41 -27.16
CA GLU A 85 -8.68 -0.62 -28.60
C GLU A 85 -10.07 -0.52 -29.19
N LYS A 86 -10.95 -1.37 -28.64
CA LYS A 86 -12.35 -1.45 -29.05
C LYS A 86 -13.06 -0.11 -28.91
N LEU A 87 -13.03 0.45 -27.70
CA LEU A 87 -13.77 1.65 -27.35
C LEU A 87 -13.50 2.90 -28.15
N VAL A 88 -12.25 3.20 -28.56
CA VAL A 88 -11.97 4.47 -29.25
C VAL A 88 -12.71 4.60 -30.58
N PRO A 89 -12.86 3.65 -31.53
CA PRO A 89 -13.83 3.69 -32.64
C PRO A 89 -15.20 4.32 -32.31
N LEU A 90 -15.71 3.82 -31.20
CA LEU A 90 -17.03 4.14 -30.68
C LEU A 90 -17.12 5.47 -29.95
N LEU A 91 -16.02 6.15 -29.66
CA LEU A 91 -16.15 7.33 -28.83
C LEU A 91 -15.90 8.70 -29.46
N ASP A 92 -16.76 9.61 -29.02
CA ASP A 92 -16.56 11.01 -29.37
C ASP A 92 -15.41 11.65 -28.58
N ILE A 93 -14.96 12.78 -29.12
CA ILE A 93 -13.89 13.53 -28.51
C ILE A 93 -14.44 14.10 -27.21
N GLY A 94 -13.73 13.85 -26.11
CA GLY A 94 -14.21 14.32 -24.83
C GLY A 94 -14.78 13.24 -23.94
N ASP A 95 -14.94 12.02 -24.46
CA ASP A 95 -15.39 10.85 -23.71
C ASP A 95 -14.25 10.39 -22.78
N ILE A 96 -14.65 9.71 -21.71
CA ILE A 96 -13.80 9.35 -20.57
C ILE A 96 -13.75 7.83 -20.36
N ILE A 97 -12.57 7.29 -20.10
CA ILE A 97 -12.40 5.86 -19.82
C ILE A 97 -11.62 5.93 -18.51
N ILE A 98 -12.13 5.21 -17.54
CA ILE A 98 -11.51 5.15 -16.26
C ILE A 98 -11.02 3.70 -16.15
N ASP A 99 -9.82 3.49 -15.66
CA ASP A 99 -9.30 2.16 -15.41
C ASP A 99 -9.04 1.96 -13.92
N GLY A 100 -9.85 1.03 -13.44
CA GLY A 100 -9.86 0.62 -12.06
C GLY A 100 -9.03 -0.59 -11.71
N GLY A 101 -8.52 -1.38 -12.66
CA GLY A 101 -7.67 -2.51 -12.28
C GLY A 101 -6.40 -2.03 -11.63
N ASN A 102 -5.68 -2.85 -10.86
CA ASN A 102 -4.43 -2.39 -10.23
C ASN A 102 -3.37 -2.42 -11.36
N SER A 103 -3.35 -1.42 -12.24
CA SER A 103 -2.35 -1.37 -13.29
C SER A 103 -0.96 -0.84 -12.89
N GLU A 104 -0.02 -1.17 -13.78
CA GLU A 104 1.38 -0.75 -13.78
C GLU A 104 1.34 0.76 -14.05
N TYR A 105 1.93 1.58 -13.18
CA TYR A 105 1.92 3.04 -13.29
C TYR A 105 2.42 3.57 -14.63
N ARG A 106 3.40 2.91 -15.24
CA ARG A 106 3.94 3.36 -16.51
C ARG A 106 3.00 3.11 -17.68
N ASP A 107 2.24 2.01 -17.62
CA ASP A 107 1.26 1.67 -18.65
C ASP A 107 0.20 2.76 -18.64
N THR A 108 -0.30 3.09 -17.44
CA THR A 108 -1.26 4.17 -17.25
C THR A 108 -0.74 5.49 -17.84
N MET A 109 0.52 5.86 -17.61
CA MET A 109 1.14 7.09 -18.12
C MET A 109 1.04 7.23 -19.64
N ARG A 110 1.40 6.09 -20.23
CA ARG A 110 1.42 5.83 -21.65
C ARG A 110 0.03 6.03 -22.22
N ARG A 111 -0.88 5.19 -21.73
CA ARG A 111 -2.27 5.18 -22.14
C ARG A 111 -2.86 6.58 -22.07
N CYS A 112 -2.70 7.29 -20.95
CA CYS A 112 -3.24 8.65 -20.74
C CYS A 112 -2.80 9.58 -21.88
N ARG A 113 -1.49 9.60 -22.16
CA ARG A 113 -0.94 10.44 -23.23
C ARG A 113 -1.61 10.15 -24.58
N ASP A 114 -1.61 8.87 -24.96
CA ASP A 114 -2.14 8.38 -26.23
C ASP A 114 -3.61 8.72 -26.49
N LEU A 115 -4.41 8.54 -25.46
CA LEU A 115 -5.83 8.86 -25.52
C LEU A 115 -6.01 10.38 -25.54
N LYS A 116 -5.22 11.15 -24.76
CA LYS A 116 -5.25 12.64 -24.73
C LYS A 116 -4.98 13.18 -26.14
N ASP A 117 -4.06 12.45 -26.75
CA ASP A 117 -3.64 12.70 -28.11
C ASP A 117 -4.83 12.50 -29.04
N LYS A 118 -5.57 11.41 -28.88
CA LYS A 118 -6.78 11.17 -29.69
C LYS A 118 -8.05 11.82 -29.11
N GLY A 119 -7.93 12.87 -28.28
CA GLY A 119 -9.07 13.62 -27.74
C GLY A 119 -9.86 13.02 -26.57
N ILE A 120 -9.57 11.79 -26.19
CA ILE A 120 -10.26 11.05 -25.11
C ILE A 120 -9.56 11.29 -23.77
N LEU A 121 -10.32 11.53 -22.69
CA LEU A 121 -9.76 11.81 -21.37
C LEU A 121 -9.64 10.46 -20.62
N PHE A 122 -8.42 10.00 -20.32
CA PHE A 122 -8.15 8.73 -19.63
C PHE A 122 -7.76 9.03 -18.19
N VAL A 123 -8.30 8.25 -17.30
CA VAL A 123 -7.99 8.37 -15.90
C VAL A 123 -7.89 6.94 -15.44
N GLY A 124 -6.85 6.70 -14.67
CA GLY A 124 -6.65 5.43 -14.03
C GLY A 124 -6.74 5.73 -12.57
N SER A 125 -7.50 4.97 -11.80
CA SER A 125 -7.62 5.17 -10.37
C SER A 125 -7.42 3.87 -9.66
N GLY A 126 -6.84 3.96 -8.47
CA GLY A 126 -6.75 2.82 -7.60
C GLY A 126 -8.09 2.71 -6.93
N VAL A 127 -8.58 1.50 -6.69
CA VAL A 127 -9.83 1.25 -5.98
C VAL A 127 -9.35 0.37 -4.82
N SER A 128 -9.77 0.58 -3.59
CA SER A 128 -9.31 -0.26 -2.51
C SER A 128 -10.40 -0.41 -1.46
N GLY A 129 -10.35 -1.61 -0.88
CA GLY A 129 -11.22 -2.00 0.21
C GLY A 129 -11.79 -3.39 0.01
N GLY A 130 -11.47 -4.01 -1.12
CA GLY A 130 -12.03 -5.31 -1.43
C GLY A 130 -13.48 -5.21 -1.84
N GLU A 131 -14.20 -6.33 -1.77
CA GLU A 131 -15.57 -6.43 -2.25
C GLU A 131 -16.54 -5.81 -1.26
N ASP A 132 -16.42 -6.09 0.03
CA ASP A 132 -17.26 -5.41 1.01
C ASP A 132 -16.94 -3.91 0.97
N GLY A 133 -15.68 -3.53 0.77
CA GLY A 133 -15.32 -2.13 0.59
C GLY A 133 -16.03 -1.54 -0.64
N ALA A 134 -15.85 -2.13 -1.82
CA ALA A 134 -16.50 -1.77 -3.08
C ALA A 134 -18.00 -1.51 -2.88
N ARG A 135 -18.67 -2.42 -2.17
CA ARG A 135 -20.09 -2.35 -1.91
C ARG A 135 -20.59 -1.08 -1.23
N TYR A 136 -19.98 -0.72 -0.11
CA TYR A 136 -20.46 0.39 0.71
C TYR A 136 -19.53 1.60 0.86
N GLY A 137 -18.33 1.58 0.31
CA GLY A 137 -17.42 2.71 0.46
C GLY A 137 -15.98 2.32 0.23
N PRO A 138 -15.61 2.30 -1.05
CA PRO A 138 -14.21 2.19 -1.49
C PRO A 138 -13.28 3.40 -1.27
N SER A 139 -11.97 3.29 -1.06
CA SER A 139 -11.08 4.45 -1.21
C SER A 139 -10.93 4.44 -2.73
N LEU A 140 -10.87 5.61 -3.33
CA LEU A 140 -10.69 5.70 -4.77
C LEU A 140 -9.53 6.67 -4.94
N MET A 141 -8.60 6.44 -5.85
CA MET A 141 -7.42 7.30 -6.01
C MET A 141 -7.25 7.68 -7.49
N PRO A 142 -7.96 8.65 -8.09
CA PRO A 142 -7.92 8.94 -9.53
C PRO A 142 -6.77 9.81 -10.05
N GLY A 143 -6.23 9.46 -11.20
CA GLY A 143 -5.16 10.21 -11.81
C GLY A 143 -5.28 10.06 -13.31
N GLY A 144 -4.61 10.87 -14.09
CA GLY A 144 -4.67 10.80 -15.54
C GLY A 144 -4.88 12.22 -16.02
N ASN A 145 -5.88 12.40 -16.87
CA ASN A 145 -6.23 13.66 -17.54
C ASN A 145 -7.17 14.58 -16.71
N LYS A 146 -6.76 15.58 -15.94
CA LYS A 146 -7.67 16.33 -15.04
C LYS A 146 -8.97 16.92 -15.63
N GLU A 147 -9.06 17.11 -16.95
CA GLU A 147 -10.28 17.55 -17.62
C GLU A 147 -11.47 16.62 -17.29
N ALA A 148 -11.19 15.31 -17.21
CA ALA A 148 -12.19 14.27 -16.91
C ALA A 148 -12.68 14.44 -15.48
N TRP A 149 -11.80 14.85 -14.54
CA TRP A 149 -12.15 14.90 -13.12
C TRP A 149 -13.46 15.60 -12.78
N PRO A 150 -13.85 16.82 -13.23
CA PRO A 150 -15.16 17.38 -12.88
C PRO A 150 -16.35 16.53 -13.39
N HIS A 151 -16.13 15.78 -14.48
CA HIS A 151 -17.15 14.91 -15.07
C HIS A 151 -17.39 13.58 -14.35
N ILE A 152 -16.40 13.06 -13.65
CA ILE A 152 -16.57 11.81 -12.87
C ILE A 152 -16.69 12.10 -11.36
N LYS A 153 -16.30 13.32 -10.98
CA LYS A 153 -16.27 13.89 -9.63
C LYS A 153 -17.37 13.43 -8.66
N ALA A 154 -18.61 13.63 -9.13
CA ALA A 154 -19.82 13.36 -8.35
C ALA A 154 -20.00 11.89 -8.01
N ILE A 155 -19.77 11.04 -9.03
CA ILE A 155 -19.93 9.61 -8.87
C ILE A 155 -18.88 9.13 -7.88
N PHE A 156 -17.61 9.34 -8.24
CA PHE A 156 -16.47 8.83 -7.48
C PHE A 156 -16.47 9.21 -6.04
N GLN A 157 -16.76 10.47 -5.81
CA GLN A 157 -16.77 10.97 -4.45
C GLN A 157 -18.04 10.57 -3.71
N GLY A 158 -19.17 10.36 -4.39
CA GLY A 158 -20.38 9.90 -3.73
C GLY A 158 -20.27 8.47 -3.23
N ILE A 159 -19.71 7.59 -4.07
CA ILE A 159 -19.53 6.18 -3.72
C ILE A 159 -18.30 6.04 -2.82
N ALA A 160 -17.38 7.00 -2.74
CA ALA A 160 -16.22 6.91 -1.84
C ALA A 160 -16.60 6.70 -0.38
N ALA A 161 -15.66 6.12 0.35
CA ALA A 161 -15.80 5.95 1.79
C ALA A 161 -15.75 7.36 2.37
N LYS A 162 -16.41 7.66 3.47
CA LYS A 162 -16.37 8.99 4.06
C LYS A 162 -15.89 8.89 5.48
N VAL A 163 -14.93 9.75 5.79
CA VAL A 163 -14.30 9.81 7.11
C VAL A 163 -15.08 10.76 8.01
N GLY A 164 -15.30 10.32 9.25
CA GLY A 164 -15.88 11.05 10.39
C GLY A 164 -16.34 12.48 10.18
N THR A 165 -15.50 13.35 9.66
CA THR A 165 -15.93 14.69 9.31
C THR A 165 -16.45 14.82 7.86
N GLY A 166 -17.13 13.76 7.40
CA GLY A 166 -17.85 13.68 6.14
C GLY A 166 -17.10 13.79 4.83
N GLU A 167 -15.76 13.86 4.73
CA GLU A 167 -15.09 14.02 3.43
C GLU A 167 -14.93 12.61 2.83
N PRO A 168 -15.15 12.46 1.52
CA PRO A 168 -14.85 11.23 0.81
C PRO A 168 -13.36 10.87 0.83
N CYS A 169 -13.06 9.59 0.80
CA CYS A 169 -11.71 9.07 0.73
C CYS A 169 -11.51 8.87 -0.77
N CYS A 170 -11.49 9.99 -1.46
CA CYS A 170 -11.34 10.07 -2.92
C CYS A 170 -11.18 11.53 -3.27
N ASP A 171 -10.07 11.83 -3.91
CA ASP A 171 -9.86 13.14 -4.46
C ASP A 171 -8.87 12.93 -5.58
N TRP A 172 -8.84 13.78 -6.61
CA TRP A 172 -7.87 13.65 -7.70
C TRP A 172 -6.45 13.71 -7.13
N VAL A 173 -5.65 12.71 -7.51
CA VAL A 173 -4.26 12.57 -7.09
C VAL A 173 -3.32 13.38 -7.98
N GLY A 174 -3.38 13.26 -9.29
CA GLY A 174 -2.46 14.00 -10.12
C GLY A 174 -2.43 13.48 -11.52
N ASP A 175 -1.43 13.89 -12.29
CA ASP A 175 -1.30 13.53 -13.69
C ASP A 175 -0.92 12.11 -13.98
N ASP A 176 -1.23 11.77 -15.22
CA ASP A 176 -1.01 10.45 -15.82
C ASP A 176 -0.93 9.24 -14.89
N GLY A 177 0.19 8.91 -14.26
CA GLY A 177 0.28 7.69 -13.47
C GLY A 177 0.02 7.87 -11.99
N ALA A 178 -0.15 9.09 -11.50
CA ALA A 178 -0.22 9.39 -10.08
C ALA A 178 -1.13 8.51 -9.24
N GLY A 179 -2.31 8.19 -9.76
CA GLY A 179 -3.31 7.45 -8.99
C GLY A 179 -2.87 6.04 -8.81
N HIS A 180 -2.48 5.45 -9.92
CA HIS A 180 -2.00 4.07 -9.96
C HIS A 180 -0.72 3.83 -9.18
N PHE A 181 0.14 4.85 -9.12
CA PHE A 181 1.38 4.80 -8.34
C PHE A 181 1.00 4.92 -6.87
N VAL A 182 0.16 5.89 -6.49
CA VAL A 182 -0.29 6.07 -5.12
C VAL A 182 -0.91 4.77 -4.60
N LYS A 183 -1.76 4.18 -5.43
CA LYS A 183 -2.38 2.87 -5.20
C LYS A 183 -1.32 1.82 -4.85
N MET A 184 -0.30 1.65 -5.69
CA MET A 184 0.68 0.62 -5.39
C MET A 184 1.62 0.98 -4.26
N VAL A 185 1.82 2.24 -3.84
CA VAL A 185 2.65 2.49 -2.65
C VAL A 185 1.85 2.04 -1.43
N HIS A 186 0.53 2.19 -1.56
CA HIS A 186 -0.45 1.76 -0.56
C HIS A 186 -0.31 0.27 -0.25
N ASN A 187 -0.38 -0.57 -1.28
CA ASN A 187 -0.25 -2.02 -1.12
C ASN A 187 1.11 -2.37 -0.54
N GLY A 188 2.16 -1.64 -0.94
CA GLY A 188 3.48 -1.80 -0.37
C GLY A 188 3.44 -1.61 1.13
N ILE A 189 2.88 -0.48 1.57
CA ILE A 189 2.73 -0.20 2.99
C ILE A 189 1.89 -1.29 3.68
N GLU A 190 0.86 -1.79 3.01
CA GLU A 190 0.03 -2.85 3.52
C GLU A 190 0.86 -4.09 3.83
N TYR A 191 1.81 -4.40 2.95
CA TYR A 191 2.71 -5.54 3.12
C TYR A 191 3.53 -5.35 4.39
N GLY A 192 4.01 -4.12 4.54
CA GLY A 192 4.83 -3.73 5.67
C GLY A 192 4.14 -3.93 7.01
N ASP A 193 2.89 -3.47 7.03
CA ASP A 193 2.07 -3.50 8.24
C ASP A 193 1.75 -4.92 8.66
N MET A 194 1.45 -5.81 7.72
CA MET A 194 1.18 -7.21 8.05
C MET A 194 2.44 -7.93 8.55
N GLN A 195 3.61 -7.69 7.95
CA GLN A 195 4.83 -8.34 8.41
C GLN A 195 5.17 -7.87 9.83
N LEU A 196 5.05 -6.59 10.11
CA LEU A 196 5.24 -6.08 11.46
C LEU A 196 4.36 -6.82 12.48
N ILE A 197 3.11 -7.16 12.12
CA ILE A 197 2.21 -7.88 13.04
C ILE A 197 2.71 -9.30 13.14
N CYS A 198 3.03 -10.01 12.06
CA CYS A 198 3.62 -11.36 12.15
C CYS A 198 4.80 -11.40 13.11
N GLU A 199 5.67 -10.41 13.08
CA GLU A 199 6.79 -10.31 14.00
C GLU A 199 6.34 -10.12 15.45
N ALA A 200 5.39 -9.21 15.71
CA ALA A 200 4.87 -8.97 17.05
C ALA A 200 4.30 -10.30 17.59
N TYR A 201 3.58 -10.99 16.74
CA TYR A 201 3.00 -12.30 17.02
C TYR A 201 4.04 -13.39 17.30
N HIS A 202 5.12 -13.41 16.52
CA HIS A 202 6.21 -14.38 16.71
C HIS A 202 6.90 -14.17 18.05
N LEU A 203 7.10 -12.92 18.47
CA LEU A 203 7.71 -12.59 19.74
C LEU A 203 6.82 -12.97 20.92
N MET A 204 5.52 -12.73 20.87
CA MET A 204 4.59 -13.14 21.95
C MET A 204 4.52 -14.66 22.02
N LYS A 205 4.46 -15.32 20.88
CA LYS A 205 4.37 -16.77 20.79
C LYS A 205 5.60 -17.51 21.29
N ASP A 206 6.78 -17.33 20.71
CA ASP A 206 8.00 -18.03 21.10
C ASP A 206 8.76 -17.44 22.30
N VAL A 207 8.83 -16.13 22.51
CA VAL A 207 9.58 -15.60 23.65
C VAL A 207 8.70 -15.60 24.89
N LEU A 208 7.48 -15.08 24.74
CA LEU A 208 6.54 -14.93 25.84
C LEU A 208 5.65 -16.14 26.08
N GLY A 209 5.53 -17.11 25.16
CA GLY A 209 4.78 -18.32 25.43
C GLY A 209 3.28 -18.13 25.56
N LEU A 210 2.74 -17.06 25.03
CA LEU A 210 1.31 -16.81 25.11
C LEU A 210 0.57 -17.76 24.18
N GLY A 211 -0.53 -18.31 24.68
CA GLY A 211 -1.46 -19.12 23.90
C GLY A 211 -2.35 -18.22 23.05
N HIS A 212 -3.01 -18.70 22.00
CA HIS A 212 -3.74 -17.82 21.08
C HIS A 212 -4.88 -17.05 21.69
N LYS A 213 -5.51 -17.47 22.80
CA LYS A 213 -6.53 -16.66 23.46
C LYS A 213 -5.91 -15.39 24.03
N GLU A 214 -4.83 -15.52 24.81
CA GLU A 214 -4.21 -14.37 25.48
C GLU A 214 -3.70 -13.46 24.39
N MET A 215 -3.06 -14.06 23.38
CA MET A 215 -2.54 -13.32 22.24
C MET A 215 -3.65 -12.50 21.59
N ALA A 216 -4.80 -13.09 21.32
CA ALA A 216 -5.91 -12.34 20.74
C ALA A 216 -6.31 -11.19 21.67
N LYS A 217 -6.30 -11.42 22.99
CA LYS A 217 -6.69 -10.43 24.01
C LYS A 217 -5.77 -9.21 23.91
N ALA A 218 -4.48 -9.50 23.73
CA ALA A 218 -3.43 -8.49 23.61
C ALA A 218 -3.71 -7.70 22.34
N PHE A 219 -3.94 -8.33 21.19
CA PHE A 219 -4.25 -7.59 19.96
C PHE A 219 -5.46 -6.66 20.15
N GLU A 220 -6.55 -7.14 20.79
CA GLU A 220 -7.70 -6.31 21.13
C GLU A 220 -7.36 -5.10 22.00
N GLU A 221 -6.57 -5.21 23.06
CA GLU A 221 -6.13 -4.03 23.82
C GLU A 221 -5.38 -2.98 22.98
N TRP A 222 -4.59 -3.52 22.07
CA TRP A 222 -3.78 -2.74 21.16
C TRP A 222 -4.63 -1.95 20.15
N ASN A 223 -5.72 -2.57 19.65
CA ASN A 223 -6.65 -1.90 18.75
C ASN A 223 -7.37 -0.77 19.50
N LYS A 224 -7.23 -0.68 20.81
CA LYS A 224 -7.79 0.41 21.58
C LYS A 224 -6.73 1.45 21.94
N THR A 225 -5.48 1.34 21.53
CA THR A 225 -4.50 2.39 21.80
C THR A 225 -4.16 3.06 20.45
N GLU A 226 -2.96 3.61 20.30
CA GLU A 226 -2.54 4.34 19.10
C GLU A 226 -2.62 3.45 17.86
N LEU A 227 -2.63 2.14 18.08
CA LEU A 227 -2.72 1.14 17.03
C LEU A 227 -4.16 0.84 16.66
N ASP A 228 -5.16 1.71 16.91
CA ASP A 228 -6.51 1.45 16.42
C ASP A 228 -6.42 1.41 14.88
N SER A 229 -6.55 0.20 14.34
CA SER A 229 -6.46 -0.07 12.90
C SER A 229 -7.11 -1.40 12.53
N PHE A 230 -7.70 -1.43 11.35
CA PHE A 230 -8.40 -2.59 10.84
C PHE A 230 -7.60 -3.90 10.88
N LEU A 231 -6.31 -3.91 10.54
CA LEU A 231 -5.53 -5.15 10.53
C LEU A 231 -5.28 -5.65 11.94
N ILE A 232 -5.05 -4.81 12.97
CA ILE A 232 -4.95 -5.23 14.37
C ILE A 232 -6.28 -5.86 14.81
N GLU A 233 -7.38 -5.24 14.40
CA GLU A 233 -8.72 -5.72 14.68
C GLU A 233 -8.93 -7.13 14.09
N ILE A 234 -8.80 -7.33 12.77
CA ILE A 234 -9.05 -8.66 12.22
C ILE A 234 -8.06 -9.72 12.70
N THR A 235 -6.85 -9.31 13.10
CA THR A 235 -5.85 -10.22 13.65
C THR A 235 -6.39 -10.84 14.94
N ALA A 236 -6.94 -10.03 15.87
CA ALA A 236 -7.50 -10.54 17.11
C ALA A 236 -8.58 -11.56 16.77
N SER A 237 -9.37 -11.26 15.75
CA SER A 237 -10.39 -12.19 15.25
C SER A 237 -9.79 -13.51 14.74
N ILE A 238 -8.74 -13.45 13.90
CA ILE A 238 -8.13 -14.63 13.30
C ILE A 238 -7.53 -15.52 14.39
N LEU A 239 -6.90 -14.93 15.41
CA LEU A 239 -6.28 -15.66 16.54
C LEU A 239 -7.33 -16.38 17.37
N LYS A 240 -8.48 -15.73 17.58
CA LYS A 240 -9.58 -16.32 18.32
C LYS A 240 -10.29 -17.48 17.60
N PHE A 241 -10.42 -17.38 16.27
CA PHE A 241 -11.19 -18.29 15.43
C PHE A 241 -10.85 -19.75 15.67
N GLN A 242 -11.93 -20.52 15.82
CA GLN A 242 -11.89 -21.95 16.04
C GLN A 242 -12.60 -22.62 14.90
N ASP A 243 -11.99 -23.73 14.58
CA ASP A 243 -12.36 -24.60 13.48
C ASP A 243 -13.53 -25.50 13.92
N ALA A 244 -14.00 -26.36 13.00
CA ALA A 244 -15.08 -27.35 13.17
C ALA A 244 -14.85 -28.33 14.34
N ASP A 245 -13.58 -28.56 14.62
CA ASP A 245 -13.18 -29.40 15.74
C ASP A 245 -12.97 -28.57 17.00
N GLY A 246 -13.33 -27.29 17.02
CA GLY A 246 -13.13 -26.48 18.19
C GLY A 246 -11.68 -26.14 18.49
N LYS A 247 -10.69 -26.36 17.61
CA LYS A 247 -9.32 -25.93 17.91
C LYS A 247 -8.98 -24.74 17.02
N HIS A 248 -7.99 -23.94 17.39
CA HIS A 248 -7.67 -22.74 16.62
C HIS A 248 -7.12 -23.11 15.26
N LEU A 249 -7.60 -22.34 14.29
CA LEU A 249 -7.29 -22.58 12.89
C LEU A 249 -5.94 -22.00 12.47
N LEU A 250 -5.40 -20.90 13.01
CA LEU A 250 -4.12 -20.32 12.57
C LEU A 250 -2.99 -21.34 12.65
N PRO A 251 -2.80 -22.13 13.74
CA PRO A 251 -1.81 -23.22 13.81
C PRO A 251 -1.92 -24.29 12.69
N LYS A 252 -3.04 -24.30 11.98
CA LYS A 252 -3.36 -25.31 10.99
C LYS A 252 -2.91 -24.90 9.61
N ILE A 253 -2.75 -23.61 9.34
CA ILE A 253 -2.54 -23.21 7.97
C ILE A 253 -1.06 -22.99 7.68
N ARG A 254 -0.76 -23.38 6.44
CA ARG A 254 0.58 -23.42 5.87
C ARG A 254 1.19 -22.03 5.74
N ASP A 255 2.41 -21.87 6.25
CA ASP A 255 3.14 -20.61 6.24
C ASP A 255 3.93 -20.28 4.98
N SER A 256 3.26 -20.15 3.85
CA SER A 256 3.89 -19.79 2.58
C SER A 256 3.07 -18.60 2.04
N ALA A 257 3.54 -17.39 2.28
CA ALA A 257 2.81 -16.19 1.89
C ALA A 257 2.85 -15.92 0.39
N GLY A 258 1.65 -15.81 -0.19
CA GLY A 258 1.51 -15.50 -1.61
C GLY A 258 1.68 -14.01 -1.90
N GLN A 259 1.91 -13.70 -3.18
CA GLN A 259 1.98 -12.33 -3.67
C GLN A 259 1.28 -12.17 -5.03
N LYS A 260 0.79 -10.96 -5.28
CA LYS A 260 0.26 -10.52 -6.56
C LYS A 260 0.99 -9.23 -6.99
N GLY A 261 2.33 -9.28 -7.04
CA GLY A 261 3.16 -8.21 -7.61
C GLY A 261 3.15 -6.75 -7.12
N THR A 262 2.09 -6.11 -6.62
CA THR A 262 2.14 -4.71 -6.18
C THR A 262 3.19 -4.38 -5.11
N GLY A 263 3.38 -5.19 -4.06
CA GLY A 263 4.39 -4.90 -3.04
C GLY A 263 5.81 -4.97 -3.56
N LYS A 264 6.02 -5.98 -4.39
CA LYS A 264 7.24 -6.17 -5.14
C LYS A 264 7.56 -4.87 -5.86
N TRP A 265 6.59 -4.32 -6.59
CA TRP A 265 6.77 -3.10 -7.35
C TRP A 265 7.13 -1.87 -6.52
N THR A 266 6.60 -1.69 -5.31
CA THR A 266 6.94 -0.54 -4.48
C THR A 266 8.45 -0.58 -4.22
N ALA A 267 8.93 -1.73 -3.72
CA ALA A 267 10.33 -1.97 -3.43
C ALA A 267 11.20 -1.71 -4.66
N ILE A 268 10.87 -2.26 -5.84
CA ILE A 268 11.59 -1.99 -7.09
C ILE A 268 11.63 -0.48 -7.39
N SER A 269 10.59 0.31 -7.16
CA SER A 269 10.63 1.74 -7.51
C SER A 269 11.60 2.47 -6.60
N ALA A 270 11.66 2.08 -5.33
CA ALA A 270 12.54 2.69 -4.37
C ALA A 270 13.97 2.52 -4.86
N LEU A 271 14.29 1.29 -5.25
CA LEU A 271 15.58 0.93 -5.80
C LEU A 271 15.87 1.75 -7.07
N GLU A 272 14.99 1.78 -8.08
CA GLU A 272 15.19 2.62 -9.27
C GLU A 272 15.42 4.10 -8.98
N TYR A 273 14.62 4.74 -8.10
CA TYR A 273 14.77 6.18 -7.80
C TYR A 273 15.68 6.50 -6.63
N GLY A 274 16.21 5.52 -5.91
CA GLY A 274 17.18 5.78 -4.87
C GLY A 274 16.60 6.31 -3.58
N VAL A 275 15.42 5.79 -3.26
CA VAL A 275 14.61 6.15 -2.12
C VAL A 275 14.75 5.01 -1.12
N PRO A 276 15.26 5.21 0.09
CA PRO A 276 15.51 4.12 1.02
C PRO A 276 14.26 3.48 1.68
N VAL A 277 13.30 2.95 0.92
CA VAL A 277 12.09 2.33 1.43
C VAL A 277 12.43 0.91 1.90
N THR A 278 13.06 0.78 3.08
CA THR A 278 13.57 -0.50 3.54
C THR A 278 12.59 -1.50 4.16
N LEU A 279 11.57 -1.11 4.91
CA LEU A 279 10.71 -2.09 5.56
C LEU A 279 9.90 -2.82 4.50
N ILE A 280 9.36 -2.11 3.51
CA ILE A 280 8.55 -2.73 2.46
C ILE A 280 9.36 -3.77 1.68
N GLY A 281 10.62 -3.43 1.41
CA GLY A 281 11.56 -4.33 0.78
C GLY A 281 11.69 -5.57 1.62
N GLU A 282 11.94 -5.43 2.93
CA GLU A 282 12.09 -6.53 3.88
C GLU A 282 10.87 -7.42 4.00
N ALA A 283 9.73 -6.79 3.85
CA ALA A 283 8.43 -7.42 3.89
C ALA A 283 8.35 -8.27 2.62
N VAL A 284 8.54 -7.76 1.41
CA VAL A 284 8.46 -8.53 0.16
C VAL A 284 9.41 -9.73 0.30
N PHE A 285 10.63 -9.51 0.76
CA PHE A 285 11.62 -10.55 0.98
C PHE A 285 11.18 -11.48 2.08
N ALA A 286 10.52 -11.11 3.16
CA ALA A 286 10.03 -12.08 4.12
C ALA A 286 8.93 -12.94 3.47
N ARG A 287 8.08 -12.47 2.55
CA ARG A 287 7.14 -13.36 1.87
C ARG A 287 7.92 -14.30 0.94
N CYS A 288 8.99 -13.87 0.27
CA CYS A 288 9.82 -14.76 -0.57
C CYS A 288 10.42 -15.91 0.20
N LEU A 289 10.88 -15.59 1.42
CA LEU A 289 11.50 -16.54 2.33
C LEU A 289 10.47 -17.58 2.74
N SER A 290 9.24 -17.22 3.11
CA SER A 290 8.29 -18.24 3.54
C SER A 290 7.93 -19.19 2.41
N SER A 291 7.99 -18.75 1.17
CA SER A 291 7.69 -19.62 0.01
C SER A 291 8.65 -20.82 -0.07
N LEU A 292 9.84 -20.72 0.51
CA LEU A 292 10.85 -21.75 0.52
C LEU A 292 10.53 -22.62 1.74
N LYS A 293 9.31 -23.15 1.80
CA LYS A 293 8.82 -23.88 2.96
C LYS A 293 9.56 -25.19 3.11
N ASP A 294 9.72 -25.91 2.00
CA ASP A 294 10.44 -27.18 2.04
C ASP A 294 11.86 -26.94 2.46
N GLU A 295 12.50 -25.92 1.87
CA GLU A 295 13.88 -25.61 2.20
C GLU A 295 14.05 -25.30 3.68
N ARG A 296 13.16 -24.57 4.33
CA ARG A 296 13.33 -24.26 5.74
C ARG A 296 13.16 -25.52 6.57
N ILE A 297 12.23 -26.44 6.25
CA ILE A 297 12.09 -27.71 6.99
C ILE A 297 13.44 -28.46 7.00
N GLN A 298 14.13 -28.35 5.88
CA GLN A 298 15.44 -28.94 5.72
C GLN A 298 16.46 -28.17 6.54
N ALA A 299 16.50 -26.84 6.44
CA ALA A 299 17.49 -26.02 7.15
C ALA A 299 17.32 -26.19 8.66
N SER A 300 16.12 -26.34 9.19
CA SER A 300 15.87 -26.46 10.64
C SER A 300 16.51 -27.67 11.28
N LYS A 301 16.64 -28.72 10.46
CA LYS A 301 17.23 -29.97 10.92
C LYS A 301 18.74 -29.82 11.08
N LYS A 302 19.34 -28.96 10.24
CA LYS A 302 20.78 -28.71 10.20
C LYS A 302 21.34 -27.43 10.85
N LEU A 303 20.68 -26.28 10.75
CA LEU A 303 21.20 -25.01 11.26
C LEU A 303 20.66 -24.84 12.66
N LYS A 304 21.62 -24.49 13.51
CA LYS A 304 21.41 -24.37 14.95
C LYS A 304 21.20 -22.95 15.45
N GLY A 305 20.48 -22.83 16.54
CA GLY A 305 20.16 -21.55 17.08
C GLY A 305 20.98 -21.19 18.32
N PRO A 306 20.67 -20.04 18.99
CA PRO A 306 21.33 -19.62 20.23
C PRO A 306 20.96 -20.56 21.36
N GLN A 307 21.78 -20.56 22.39
CA GLN A 307 21.56 -21.39 23.57
C GLN A 307 20.22 -20.91 24.13
N ASN A 308 19.37 -21.86 24.46
CA ASN A 308 18.03 -21.49 24.90
C ASN A 308 18.10 -20.90 26.31
N ILE A 309 17.83 -19.60 26.42
CA ILE A 309 17.82 -18.90 27.71
C ILE A 309 16.34 -18.55 27.92
N PRO A 310 15.59 -19.15 28.88
CA PRO A 310 14.16 -18.83 29.15
C PRO A 310 13.89 -17.32 29.31
N PHE A 311 12.74 -16.76 28.91
CA PHE A 311 12.50 -15.33 29.19
C PHE A 311 12.35 -15.20 30.71
N GLU A 312 13.22 -14.37 31.24
CA GLU A 312 13.27 -14.07 32.66
C GLU A 312 13.00 -12.56 32.65
N GLY A 313 11.78 -12.16 33.02
CA GLY A 313 11.39 -10.75 33.09
C GLY A 313 9.87 -10.66 33.20
N ASP A 314 9.28 -9.47 33.21
CA ASP A 314 7.82 -9.41 33.32
C ASP A 314 7.17 -9.50 31.95
N LYS A 315 6.21 -10.39 31.87
CA LYS A 315 5.46 -10.59 30.64
C LYS A 315 4.65 -9.37 30.23
N LYS A 316 4.00 -8.71 31.18
CA LYS A 316 3.20 -7.54 30.87
C LYS A 316 4.04 -6.38 30.33
N SER A 317 5.23 -6.14 30.91
CA SER A 317 6.16 -5.10 30.47
C SER A 317 6.62 -5.41 29.05
N PHE A 318 6.91 -6.69 28.80
CA PHE A 318 7.37 -7.07 27.49
C PHE A 318 6.21 -6.87 26.53
N LEU A 319 4.97 -7.22 26.87
CA LEU A 319 3.86 -7.03 25.94
C LEU A 319 3.70 -5.54 25.56
N GLU A 320 4.09 -4.68 26.49
CA GLU A 320 4.12 -3.24 26.26
C GLU A 320 5.20 -2.89 25.27
N ASP A 321 6.42 -3.34 25.54
CA ASP A 321 7.55 -3.10 24.65
C ASP A 321 7.28 -3.53 23.22
N ILE A 322 6.58 -4.63 23.00
CA ILE A 322 6.27 -5.06 21.64
C ILE A 322 5.27 -4.08 21.04
N ARG A 323 4.29 -3.61 21.79
CA ARG A 323 3.33 -2.58 21.33
C ARG A 323 4.08 -1.36 20.74
N LYS A 324 5.05 -0.90 21.54
CA LYS A 324 5.85 0.26 21.23
C LYS A 324 6.79 0.00 20.05
N ALA A 325 7.34 -1.20 19.93
CA ALA A 325 8.23 -1.54 18.83
C ALA A 325 7.40 -1.57 17.53
N LEU A 326 6.24 -2.23 17.50
CA LEU A 326 5.34 -2.33 16.34
C LEU A 326 4.94 -0.92 15.87
N TYR A 327 4.69 -0.04 16.83
CA TYR A 327 4.30 1.33 16.56
C TYR A 327 5.44 2.20 16.04
N ALA A 328 6.59 2.29 16.70
CA ALA A 328 7.72 3.08 16.23
C ALA A 328 8.13 2.64 14.83
N SER A 329 8.11 1.34 14.58
CA SER A 329 8.42 0.77 13.28
C SER A 329 7.38 1.16 12.22
N LYS A 330 6.09 1.07 12.52
CA LYS A 330 5.01 1.49 11.63
C LYS A 330 5.25 2.93 11.19
N ILE A 331 5.62 3.80 12.13
CA ILE A 331 5.95 5.19 11.85
C ILE A 331 7.06 5.22 10.79
N ILE A 332 8.19 4.53 10.99
CA ILE A 332 9.32 4.53 10.06
C ILE A 332 8.87 4.02 8.69
N SER A 333 7.99 3.04 8.62
CA SER A 333 7.53 2.50 7.34
C SER A 333 6.72 3.54 6.58
N TYR A 334 5.88 4.27 7.28
CA TYR A 334 5.05 5.27 6.65
C TYR A 334 5.85 6.49 6.22
N ALA A 335 6.81 6.85 7.06
CA ALA A 335 7.74 7.94 6.77
C ALA A 335 8.53 7.67 5.48
N GLN A 336 8.95 6.41 5.30
CA GLN A 336 9.63 5.94 4.10
C GLN A 336 8.64 5.90 2.95
N GLY A 337 7.40 5.47 3.22
CA GLY A 337 6.35 5.43 2.22
C GLY A 337 6.16 6.78 1.55
N PHE A 338 5.97 7.82 2.35
CA PHE A 338 5.77 9.12 1.77
C PHE A 338 7.05 9.71 1.22
N MET A 339 8.26 9.28 1.59
CA MET A 339 9.51 9.74 0.94
C MET A 339 9.50 9.25 -0.51
N LEU A 340 8.92 8.08 -0.75
CA LEU A 340 8.80 7.50 -2.08
C LEU A 340 7.89 8.41 -2.91
N LEU A 341 6.67 8.68 -2.41
CA LEU A 341 5.69 9.56 -3.07
C LEU A 341 6.29 10.91 -3.42
N ARG A 342 7.05 11.47 -2.48
CA ARG A 342 7.76 12.73 -2.63
C ARG A 342 8.76 12.65 -3.77
N GLN A 343 9.59 11.61 -3.82
CA GLN A 343 10.61 11.52 -4.85
C GLN A 343 9.97 11.35 -6.22
N ALA A 344 8.85 10.64 -6.31
CA ALA A 344 8.15 10.43 -7.58
C ALA A 344 7.53 11.75 -8.01
N ALA A 345 7.10 12.57 -7.06
CA ALA A 345 6.57 13.89 -7.34
C ALA A 345 7.69 14.64 -8.04
N THR A 346 8.95 14.63 -7.58
CA THR A 346 10.05 15.30 -8.26
C THR A 346 10.44 14.61 -9.57
N GLU A 347 10.30 13.31 -9.60
CA GLU A 347 10.67 12.47 -10.74
C GLU A 347 9.81 12.62 -11.98
N PHE A 348 8.50 12.65 -11.79
CA PHE A 348 7.53 12.72 -12.88
C PHE A 348 6.83 14.08 -12.93
N GLY A 349 7.09 14.93 -11.93
CA GLY A 349 6.57 16.29 -11.86
C GLY A 349 5.08 16.37 -11.60
N TRP A 350 4.60 15.79 -10.51
CA TRP A 350 3.19 15.78 -10.13
C TRP A 350 3.17 16.59 -8.83
N THR A 351 2.13 17.34 -8.54
CA THR A 351 2.06 18.08 -7.29
C THR A 351 1.06 17.25 -6.52
N LEU A 352 1.54 16.30 -5.75
CA LEU A 352 0.66 15.44 -4.96
C LEU A 352 0.31 16.20 -3.68
N ASN A 353 -0.84 15.95 -3.09
CA ASN A 353 -1.19 16.54 -1.79
C ASN A 353 -1.01 15.37 -0.83
N TYR A 354 0.05 15.34 -0.04
CA TYR A 354 0.32 14.17 0.82
C TYR A 354 -0.78 14.00 1.88
N GLY A 355 -1.33 15.09 2.43
CA GLY A 355 -2.46 15.02 3.37
C GLY A 355 -3.70 14.48 2.68
N GLY A 356 -3.89 14.78 1.39
CA GLY A 356 -5.01 14.30 0.59
C GLY A 356 -5.02 12.78 0.52
N ILE A 357 -3.85 12.28 0.15
CA ILE A 357 -3.53 10.86 0.07
C ILE A 357 -3.72 10.22 1.44
N ALA A 358 -3.16 10.77 2.53
CA ALA A 358 -3.26 10.22 3.89
C ALA A 358 -4.73 10.00 4.25
N LEU A 359 -5.53 10.99 3.87
CA LEU A 359 -6.98 10.99 4.02
C LEU A 359 -7.60 9.88 3.14
N MET A 360 -7.23 9.71 1.87
CA MET A 360 -7.77 8.64 1.01
C MET A 360 -7.48 7.21 1.53
N TRP A 361 -6.48 7.09 2.39
CA TRP A 361 -6.08 5.84 3.04
C TRP A 361 -6.64 5.76 4.47
N ARG A 362 -7.37 6.78 4.91
CA ARG A 362 -7.87 6.80 6.28
C ARG A 362 -9.16 5.99 6.39
N GLY A 363 -9.85 5.80 5.29
CA GLY A 363 -11.07 5.03 5.33
C GLY A 363 -11.13 4.29 4.03
N GLY A 364 -11.88 3.18 3.99
CA GLY A 364 -12.02 2.40 2.78
C GLY A 364 -11.10 1.21 2.77
N CYS A 365 -9.87 1.54 2.49
CA CYS A 365 -8.77 0.60 2.32
C CYS A 365 -8.33 -0.25 3.54
N ILE A 366 -7.63 -1.35 3.28
CA ILE A 366 -7.14 -2.30 4.29
C ILE A 366 -6.22 -1.63 5.33
N ILE A 367 -5.51 -0.55 4.99
CA ILE A 367 -4.60 0.09 5.94
C ILE A 367 -5.27 1.19 6.77
N ARG A 368 -6.60 1.30 6.76
CA ARG A 368 -7.27 2.34 7.51
C ARG A 368 -6.96 2.21 8.99
N SER A 369 -6.76 3.41 9.51
CA SER A 369 -6.47 3.67 10.90
C SER A 369 -6.51 5.16 11.30
N VAL A 370 -6.68 5.28 12.61
CA VAL A 370 -6.58 6.54 13.36
C VAL A 370 -5.21 7.16 13.05
N PHE A 371 -4.21 6.29 12.87
CA PHE A 371 -2.87 6.69 12.49
C PHE A 371 -2.86 7.57 11.22
N LEU A 372 -3.48 7.22 10.07
CA LEU A 372 -3.41 8.08 8.87
C LEU A 372 -3.95 9.49 9.14
N GLY A 373 -4.78 9.62 10.18
CA GLY A 373 -5.34 10.88 10.62
C GLY A 373 -4.27 11.84 11.12
N LYS A 374 -3.47 11.35 12.07
CA LYS A 374 -2.35 12.12 12.60
C LYS A 374 -1.35 12.41 11.48
N ILE A 375 -1.16 11.52 10.51
CA ILE A 375 -0.29 11.77 9.36
C ILE A 375 -0.87 12.94 8.57
N LYS A 376 -2.18 12.97 8.38
CA LYS A 376 -2.84 14.02 7.60
C LYS A 376 -2.66 15.41 8.22
N ASP A 377 -2.83 15.53 9.53
CA ASP A 377 -2.66 16.85 10.10
C ASP A 377 -1.22 17.23 10.40
N ALA A 378 -0.27 16.32 10.16
CA ALA A 378 1.16 16.65 10.15
C ALA A 378 1.38 17.45 8.87
N PHE A 379 0.80 16.97 7.78
CA PHE A 379 0.93 17.63 6.49
C PHE A 379 -0.04 18.78 6.37
N ASP A 380 -1.08 18.91 7.20
CA ASP A 380 -1.90 20.13 7.17
C ASP A 380 -1.12 21.26 7.85
N ARG A 381 -0.59 20.91 9.03
CA ARG A 381 0.29 21.75 9.82
C ARG A 381 1.49 22.29 9.01
N ASN A 382 2.00 21.52 8.06
CA ASN A 382 3.10 21.93 7.22
C ASN A 382 3.02 21.03 6.01
N PRO A 383 2.47 21.51 4.87
CA PRO A 383 2.42 20.76 3.60
C PRO A 383 3.73 20.70 2.82
N GLY A 384 4.76 21.39 3.32
CA GLY A 384 6.05 21.37 2.67
C GLY A 384 7.04 20.50 3.42
N LEU A 385 6.52 19.75 4.42
CA LEU A 385 7.28 18.88 5.32
C LEU A 385 8.11 17.96 4.46
N GLN A 386 9.41 17.89 4.74
CA GLN A 386 10.25 16.99 3.97
C GLN A 386 10.11 15.54 4.42
N ASN A 387 9.93 15.26 5.71
CA ASN A 387 9.86 13.87 6.15
C ASN A 387 9.06 13.77 7.44
N LEU A 388 8.13 12.83 7.46
CA LEU A 388 7.25 12.55 8.57
C LEU A 388 7.92 12.47 9.95
N LEU A 389 9.17 12.00 10.03
CA LEU A 389 9.87 11.89 11.30
C LEU A 389 10.19 13.23 11.92
N LEU A 390 10.15 14.29 11.11
CA LEU A 390 10.39 15.64 11.57
C LEU A 390 9.14 16.35 12.05
N ASP A 391 7.96 15.77 11.89
CA ASP A 391 6.74 16.37 12.41
C ASP A 391 6.73 16.05 13.91
N ASP A 392 6.50 17.05 14.77
CA ASP A 392 6.56 16.91 16.22
C ASP A 392 5.83 15.74 16.83
N PHE A 393 4.64 15.38 16.33
CA PHE A 393 3.87 14.27 16.89
C PHE A 393 4.64 12.94 16.86
N PHE A 394 5.13 12.63 15.65
CA PHE A 394 5.92 11.43 15.29
C PHE A 394 7.30 11.50 15.90
N LYS A 395 7.95 12.66 15.74
CA LYS A 395 9.24 12.94 16.34
C LYS A 395 9.18 12.59 17.83
N SER A 396 8.11 12.97 18.49
CA SER A 396 7.93 12.60 19.88
C SER A 396 7.43 11.15 20.08
N ALA A 397 6.56 10.58 19.24
CA ALA A 397 6.04 9.22 19.39
C ALA A 397 7.19 8.20 19.31
N VAL A 398 8.13 8.40 18.40
CA VAL A 398 9.32 7.56 18.25
C VAL A 398 10.24 7.75 19.47
N GLU A 399 10.49 8.98 19.89
CA GLU A 399 11.34 9.31 21.05
C GLU A 399 10.90 8.62 22.33
N ASN A 400 9.59 8.44 22.44
CA ASN A 400 8.96 7.77 23.57
C ASN A 400 9.04 6.25 23.48
N CYS A 401 8.78 5.73 22.29
CA CYS A 401 8.82 4.29 22.00
C CYS A 401 10.22 3.70 21.99
N GLN A 402 11.20 4.57 21.79
CA GLN A 402 12.61 4.24 21.64
C GLN A 402 13.28 3.22 22.57
N ASP A 403 13.48 3.24 23.90
CA ASP A 403 14.15 2.08 24.50
C ASP A 403 13.26 0.84 24.68
N SER A 404 11.95 0.91 24.50
CA SER A 404 11.07 -0.28 24.47
C SER A 404 11.42 -1.01 23.17
N TRP A 405 11.44 -0.27 22.05
CA TRP A 405 11.85 -0.77 20.74
C TRP A 405 13.25 -1.43 20.72
N ARG A 406 14.25 -0.79 21.33
CA ARG A 406 15.59 -1.38 21.43
C ARG A 406 15.53 -2.61 22.31
N ARG A 407 14.89 -2.55 23.47
CA ARG A 407 14.72 -3.72 24.34
C ARG A 407 13.94 -4.86 23.68
N ALA A 408 12.96 -4.63 22.81
CA ALA A 408 12.26 -5.70 22.11
C ALA A 408 13.22 -6.35 21.10
N ILE A 409 13.95 -5.57 20.30
CA ILE A 409 14.88 -6.11 19.32
C ILE A 409 16.00 -6.88 20.00
N SER A 410 16.66 -6.38 21.03
CA SER A 410 17.71 -7.12 21.76
C SER A 410 17.24 -8.47 22.25
N THR A 411 16.10 -8.57 22.92
CA THR A 411 15.58 -9.85 23.33
C THR A 411 15.33 -10.75 22.11
N GLY A 412 14.67 -10.28 21.04
CA GLY A 412 14.40 -11.08 19.85
C GLY A 412 15.66 -11.70 19.25
N VAL A 413 16.66 -10.84 19.06
CA VAL A 413 18.00 -11.19 18.60
C VAL A 413 18.61 -12.27 19.49
N GLN A 414 18.63 -12.10 20.81
CA GLN A 414 19.15 -13.10 21.75
C GLN A 414 18.41 -14.44 21.65
N ALA A 415 17.10 -14.34 21.49
CA ALA A 415 16.22 -15.49 21.46
C ALA A 415 16.12 -16.17 20.11
N GLY A 416 16.65 -15.56 19.06
CA GLY A 416 16.59 -16.14 17.72
C GLY A 416 15.27 -15.95 16.95
N ILE A 417 14.51 -14.93 17.27
CA ILE A 417 13.27 -14.67 16.55
C ILE A 417 13.66 -13.77 15.39
N PRO A 418 13.31 -14.20 14.15
CA PRO A 418 13.44 -13.44 12.92
C PRO A 418 12.56 -12.21 12.96
N MET A 419 13.19 -11.06 12.89
CA MET A 419 12.46 -9.80 12.89
C MET A 419 12.94 -8.87 11.78
N PRO A 420 12.93 -9.20 10.44
CA PRO A 420 13.42 -8.32 9.36
C PRO A 420 12.97 -6.86 9.43
N CYS A 421 11.68 -6.67 9.41
CA CYS A 421 11.12 -5.33 9.43
C CYS A 421 11.36 -4.56 10.73
N PHE A 422 11.35 -5.19 11.90
CA PHE A 422 11.54 -4.47 13.17
C PHE A 422 12.97 -3.94 13.21
N THR A 423 13.94 -4.71 12.71
CA THR A 423 15.33 -4.31 12.72
C THR A 423 15.62 -3.29 11.63
N THR A 424 15.16 -3.39 10.36
CA THR A 424 15.34 -2.33 9.36
C THR A 424 14.86 -0.95 9.79
N ALA A 425 13.78 -1.00 10.56
CA ALA A 425 13.17 0.20 11.08
C ALA A 425 14.17 0.85 12.04
N LEU A 426 14.75 0.12 13.00
CA LEU A 426 15.73 0.73 13.88
C LEU A 426 16.92 1.20 13.09
N SER A 427 17.40 0.39 12.16
CA SER A 427 18.54 0.69 11.32
C SER A 427 18.32 1.96 10.50
N PHE A 428 17.14 2.16 9.90
CA PHE A 428 16.85 3.37 9.15
C PHE A 428 16.80 4.53 10.14
N TYR A 429 16.13 4.41 11.27
CA TYR A 429 16.06 5.49 12.25
C TYR A 429 17.45 5.99 12.65
N ASP A 430 18.33 5.10 13.11
CA ASP A 430 19.69 5.45 13.47
C ASP A 430 20.52 5.91 12.28
N GLY A 431 20.18 5.45 11.09
CA GLY A 431 20.87 5.88 9.90
C GLY A 431 20.61 7.34 9.65
N TYR A 432 19.32 7.68 9.60
CA TYR A 432 18.80 9.01 9.29
C TYR A 432 19.19 10.09 10.31
N ARG A 433 19.14 9.69 11.58
CA ARG A 433 19.57 10.46 12.75
C ARG A 433 21.03 10.90 12.69
N HIS A 434 21.91 10.11 12.11
CA HIS A 434 23.33 10.42 12.14
C HIS A 434 23.68 11.37 11.01
N ALA A 435 24.28 12.50 11.37
CA ALA A 435 24.74 13.50 10.41
C ALA A 435 26.05 13.09 9.73
N MET A 436 26.71 12.08 10.28
CA MET A 436 27.94 11.55 9.72
C MET A 436 27.78 10.02 9.83
N LEU A 437 27.84 9.41 8.67
CA LEU A 437 27.65 7.98 8.48
C LEU A 437 28.93 7.43 7.86
N PRO A 438 29.33 6.15 8.07
CA PRO A 438 30.57 5.61 7.50
C PRO A 438 30.53 5.45 5.99
N ALA A 439 29.68 6.16 5.25
CA ALA A 439 29.59 6.04 3.81
C ALA A 439 30.83 6.63 3.13
N ASN A 440 31.59 7.43 3.88
CA ASN A 440 32.83 8.04 3.41
C ASN A 440 33.86 6.93 3.19
N LEU A 441 33.84 5.83 3.93
CA LEU A 441 34.77 4.73 3.69
C LEU A 441 34.36 4.09 2.38
N ILE A 442 33.07 3.88 2.06
CA ILE A 442 32.63 3.36 0.74
C ILE A 442 33.31 4.20 -0.36
N GLN A 443 33.20 5.51 -0.21
CA GLN A 443 33.77 6.50 -1.11
C GLN A 443 35.30 6.48 -1.25
N ALA A 444 35.99 6.33 -0.11
CA ALA A 444 37.46 6.26 -0.06
C ALA A 444 37.85 4.97 -0.81
N GLN A 445 37.17 3.85 -0.54
CA GLN A 445 37.44 2.55 -1.16
C GLN A 445 37.25 2.66 -2.67
N ARG A 446 36.14 3.24 -3.08
CA ARG A 446 35.83 3.39 -4.49
C ARG A 446 36.85 4.29 -5.20
N ASP A 447 37.36 5.37 -4.59
CA ASP A 447 38.40 6.20 -5.22
C ASP A 447 39.69 5.40 -5.34
N TYR A 448 39.94 4.51 -4.37
CA TYR A 448 41.13 3.66 -4.34
C TYR A 448 41.03 2.58 -5.43
N PHE A 449 40.16 1.58 -5.28
CA PHE A 449 40.10 0.49 -6.25
C PHE A 449 39.54 0.88 -7.61
N GLY A 450 38.76 1.95 -7.74
CA GLY A 450 38.18 2.21 -9.05
C GLY A 450 38.19 3.64 -9.56
N ALA A 451 39.12 4.45 -9.06
CA ALA A 451 39.30 5.84 -9.52
C ALA A 451 38.05 6.74 -9.48
N HIS A 452 37.11 6.48 -8.59
CA HIS A 452 35.80 7.15 -8.67
C HIS A 452 35.62 8.61 -8.24
N THR A 453 36.61 9.17 -7.56
CA THR A 453 36.73 10.53 -7.00
C THR A 453 35.85 10.70 -5.79
N TYR A 454 36.06 11.73 -4.98
CA TYR A 454 35.28 11.95 -3.76
C TYR A 454 35.31 13.44 -3.42
N GLU A 455 34.40 13.94 -2.60
CA GLU A 455 34.32 15.34 -2.20
C GLU A 455 34.85 15.42 -0.79
N LEU A 456 35.39 16.56 -0.40
CA LEU A 456 35.80 16.77 0.98
C LEU A 456 34.54 17.26 1.69
N LEU A 457 34.52 17.03 2.99
CA LEU A 457 33.36 17.37 3.81
C LEU A 457 33.07 18.87 3.80
N ALA A 458 34.11 19.68 3.93
CA ALA A 458 34.05 21.13 3.73
C ALA A 458 34.46 21.17 2.25
N LYS A 459 33.87 22.01 1.41
CA LYS A 459 34.09 22.07 -0.05
C LYS A 459 33.31 20.92 -0.73
N PRO A 460 31.99 20.74 -0.53
CA PRO A 460 31.13 19.95 -1.41
C PRO A 460 31.17 20.53 -2.83
N GLY A 461 31.11 19.64 -3.81
CA GLY A 461 31.14 20.05 -5.20
C GLY A 461 32.44 19.71 -5.91
N GLN A 462 33.61 19.92 -5.33
CA GLN A 462 34.87 19.61 -5.99
C GLN A 462 35.22 18.15 -5.71
N PHE A 463 35.56 17.43 -6.77
CA PHE A 463 35.93 16.03 -6.67
C PHE A 463 37.43 15.86 -6.88
N ILE A 464 38.01 15.14 -5.93
CA ILE A 464 39.43 14.82 -5.78
C ILE A 464 39.64 13.33 -6.09
N HIS A 465 40.84 13.00 -6.56
CA HIS A 465 41.30 11.63 -6.68
C HIS A 465 42.68 11.63 -6.02
N THR A 466 42.75 10.96 -4.88
CA THR A 466 44.01 10.64 -4.23
C THR A 466 44.59 9.36 -4.84
N ASN A 467 45.92 9.32 -4.96
CA ASN A 467 46.64 8.11 -5.39
C ASN A 467 47.03 7.55 -4.04
N TRP A 468 46.32 6.51 -3.68
CA TRP A 468 46.49 5.88 -2.38
C TRP A 468 47.66 4.92 -2.49
N THR A 469 47.42 3.86 -3.26
CA THR A 469 48.31 2.72 -3.57
C THR A 469 49.52 2.59 -2.63
N GLY A 470 50.46 3.50 -2.88
CA GLY A 470 51.65 3.66 -2.10
C GLY A 470 51.72 5.13 -1.82
N HIS A 471 52.01 5.49 -0.58
CA HIS A 471 52.20 6.89 -0.23
C HIS A 471 53.73 7.04 -0.27
N GLY A 472 54.19 6.96 -1.53
CA GLY A 472 55.62 6.81 -1.85
C GLY A 472 55.91 5.31 -1.97
N GLY A 473 57.08 4.91 -2.48
CA GLY A 473 57.42 3.49 -2.64
C GLY A 473 58.27 3.30 -3.90
S SO4 B . -1.46 -9.64 -2.56
O1 SO4 B . -1.19 -8.29 -2.90
O2 SO4 B . -0.23 -10.33 -2.67
O3 SO4 B . -1.93 -9.76 -1.23
O4 SO4 B . -2.43 -10.25 -3.39
S SO4 C . -6.37 -4.81 -3.83
O1 SO4 C . -5.78 -3.88 -2.95
O2 SO4 C . -5.35 -5.33 -4.70
O3 SO4 C . -6.98 -5.84 -3.04
O4 SO4 C . -7.38 -4.16 -4.64
S SO4 D . -3.45 -22.16 21.78
O1 SO4 D . -3.45 -22.94 20.60
O2 SO4 D . -3.74 -22.92 22.94
O3 SO4 D . -2.17 -21.55 21.91
O4 SO4 D . -4.46 -21.18 21.58
P 2AM E . -14.66 -12.68 -18.08
O1P 2AM E . -15.85 -12.42 -17.25
O2P 2AM E . -13.70 -13.68 -17.51
O3P 2AM E . -14.93 -12.82 -19.53
C5' 2AM E . -12.16 -10.00 -13.74
O5' 2AM E . -11.16 -11.04 -13.81
C4' 2AM E . -12.63 -9.55 -15.12
O4' 2AM E . -11.53 -9.41 -16.05
C3' 2AM E . -13.62 -10.53 -15.75
O3' 2AM E . -14.85 -9.86 -16.05
C2' 2AM E . -12.94 -11.00 -17.03
O2' 2AM E . -13.89 -11.26 -18.07
C1' 2AM E . -12.02 -9.84 -17.34
N9 2AM E . -10.95 -10.19 -18.29
C8 2AM E . -9.95 -11.06 -18.09
N7 2AM E . -9.28 -11.31 -19.22
C5 2AM E . -9.88 -10.56 -20.12
C6 2AM E . -9.43 -10.44 -21.42
N6 2AM E . -8.34 -11.06 -21.86
N1 2AM E . -10.07 -9.53 -22.17
C2 2AM E . -11.05 -8.81 -21.64
N3 2AM E . -11.49 -8.93 -20.38
C4 2AM E . -10.91 -9.83 -19.58
#